data_1MRF
#
_entry.id   1MRF
#
_cell.length_a   66.200
_cell.length_b   75.500
_cell.length_c   104.600
_cell.angle_alpha   90.00
_cell.angle_beta   90.00
_cell.angle_gamma   90.00
#
_symmetry.space_group_name_H-M   'P 21 21 21'
#
loop_
_entity.id
_entity.type
_entity.pdbx_description
1 polymer 'IGG2B-KAPPA JEL103 FAB (LIGHT CHAIN)'
2 polymer 'IGG2B-KAPPA JEL103 FAB (HEAVY CHAIN)'
3 non-polymer 'ZINC ION'
4 non-polymer IMIDAZOLE
5 non-polymer "2'-DEOXYINOSINE-5'-MONOPHOSPHATE"
6 water water
#
loop_
_entity_poly.entity_id
_entity_poly.type
_entity_poly.pdbx_seq_one_letter_code
_entity_poly.pdbx_strand_id
1 'polypeptide(L)'
;DVVMTQTPLSLPVSLGDQASISCRSSQSLVHSNGNTYLHWYLQKPGQSPKLLIYKVSNRFSGVPDRFSGSGSGTDFTLKI
SRVEAEDLGVYFCSQSTHVPRTFGGGTKLEIKRADAAPTVSIFPPSSEQLTSGGASVVCFLNNFYPKDINVKWKIDGKER
QNGVLNSWTDQNSKDSTYSMSSTLTLTKDEYERHNSYTCEATHKTSTSPIVKSFNRNEC
;
L
2 'polypeptide(L)'
;QVQLQQSGAELVKPGASVKLSCKASGYTFTSYWMQWVKQRPGQGLEWIGEIDPSDSYTNYNQKFKGKATLTVDTSSSTAY
MQLSSLTSEDSAVYYCANLRGYFDYWGQGTTLTVSSAKTTPPSVYPLAPGCGDTTGSSVTLGCLVKGYFPESVTVTWNSG
SLSSSVHTFPALLQSGLYTMSSSVTVPSSTWPSQTVTCSVAHPASSTTVDKKLEP
;
H
#
loop_
_chem_comp.id
_chem_comp.type
_chem_comp.name
_chem_comp.formula
DI DNA linking 2'-DEOXYINOSINE-5'-MONOPHOSPHATE 'C10 H13 N4 O7 P'
IMD non-polymer IMIDAZOLE 'C3 H5 N2 1'
ZN non-polymer 'ZINC ION' 'Zn 2'
#
# COMPACT_ATOMS: atom_id res chain seq x y z
N ASP A 1 -27.88 7.39 -5.34
CA ASP A 1 -26.46 7.08 -5.67
C ASP A 1 -26.50 5.90 -6.61
N VAL A 2 -25.78 6.01 -7.71
CA VAL A 2 -25.73 4.92 -8.67
C VAL A 2 -24.73 3.93 -8.11
N VAL A 3 -25.09 2.65 -8.10
CA VAL A 3 -24.15 1.64 -7.61
C VAL A 3 -23.43 1.00 -8.80
N MET A 4 -22.10 0.94 -8.75
CA MET A 4 -21.27 0.36 -9.80
C MET A 4 -20.76 -0.98 -9.31
N THR A 5 -20.95 -2.06 -10.06
CA THR A 5 -20.41 -3.36 -9.63
C THR A 5 -19.41 -3.92 -10.64
N GLN A 6 -18.19 -4.16 -10.19
CA GLN A 6 -17.14 -4.69 -11.07
C GLN A 6 -17.01 -6.21 -11.05
N THR A 7 -16.63 -6.77 -12.20
CA THR A 7 -16.45 -8.20 -12.36
C THR A 7 -15.21 -8.52 -13.19
N PRO A 8 -14.30 -9.35 -12.64
CA PRO A 8 -14.46 -9.93 -11.30
C PRO A 8 -13.69 -9.17 -10.24
N LEU A 9 -13.65 -9.69 -9.03
CA LEU A 9 -12.91 -9.05 -7.94
C LEU A 9 -11.39 -9.29 -8.01
N SER A 10 -10.99 -10.43 -8.57
CA SER A 10 -9.59 -10.79 -8.73
C SER A 10 -9.44 -11.40 -10.11
N LEU A 11 -8.40 -11.00 -10.83
CA LEU A 11 -8.20 -11.53 -12.18
C LEU A 11 -6.78 -12.00 -12.43
N PRO A 12 -6.54 -13.31 -12.40
CA PRO A 12 -5.22 -13.95 -12.64
C PRO A 12 -4.94 -14.03 -14.12
N VAL A 13 -3.84 -13.45 -14.59
CA VAL A 13 -3.60 -13.47 -16.00
C VAL A 13 -2.11 -13.50 -16.34
N SER A 14 -1.77 -14.33 -17.31
CA SER A 14 -0.38 -14.48 -17.71
C SER A 14 0.11 -13.25 -18.45
N LEU A 15 1.43 -13.07 -18.48
CA LEU A 15 1.98 -11.94 -19.19
C LEU A 15 1.68 -12.17 -20.66
N GLY A 16 1.53 -11.09 -21.41
CA GLY A 16 1.26 -11.20 -22.83
C GLY A 16 -0.17 -11.51 -23.21
N ASP A 17 -0.96 -12.00 -22.26
CA ASP A 17 -2.36 -12.34 -22.49
C ASP A 17 -3.25 -11.10 -22.46
N GLN A 18 -4.55 -11.32 -22.58
CA GLN A 18 -5.55 -10.26 -22.60
C GLN A 18 -6.45 -10.34 -21.37
N ALA A 19 -6.83 -9.17 -20.85
CA ALA A 19 -7.70 -9.08 -19.67
C ALA A 19 -8.92 -8.22 -19.96
N SER A 20 -10.08 -8.69 -19.51
CA SER A 20 -11.33 -7.95 -19.66
C SER A 20 -11.91 -7.74 -18.27
N ILE A 21 -12.20 -6.49 -17.93
CA ILE A 21 -12.73 -6.13 -16.64
C ILE A 21 -14.09 -5.51 -16.92
N SER A 22 -15.12 -5.93 -16.20
CA SER A 22 -16.47 -5.43 -16.44
C SER A 22 -16.97 -4.48 -15.35
N CYS A 23 -17.96 -3.67 -15.69
CA CYS A 23 -18.51 -2.71 -14.75
C CYS A 23 -19.92 -2.39 -15.16
N ARG A 24 -20.84 -2.58 -14.22
CA ARG A 24 -22.25 -2.31 -14.45
C ARG A 24 -22.72 -1.22 -13.51
N SER A 25 -23.70 -0.44 -13.95
CA SER A 25 -24.25 0.60 -13.10
C SER A 25 -25.71 0.24 -12.89
N SER A 26 -26.25 0.58 -11.73
CA SER A 26 -27.65 0.30 -11.41
C SER A 26 -28.59 1.00 -12.37
N GLN A 27 -28.12 2.09 -12.97
CA GLN A 27 -28.92 2.83 -13.93
C GLN A 27 -28.08 3.51 -15.02
N SER A 28 -28.75 3.81 -16.13
CA SER A 28 -28.12 4.40 -17.29
C SER A 28 -27.20 5.58 -16.99
N LEU A 29 -25.98 5.53 -17.53
CA LEU A 29 -25.01 6.60 -17.34
C LEU A 29 -25.02 7.60 -18.50
N VAL A 30 -26.08 7.59 -19.30
CA VAL A 30 -26.16 8.55 -20.41
C VAL A 30 -26.78 9.85 -19.90
N HIS A 31 -25.96 10.91 -19.90
CA HIS A 31 -26.38 12.23 -19.44
C HIS A 31 -27.41 12.78 -20.44
N SER A 32 -28.25 13.71 -20.00
CA SER A 32 -29.21 14.28 -20.93
C SER A 32 -28.46 15.04 -22.04
N ASN A 33 -27.23 15.48 -21.74
CA ASN A 33 -26.43 16.19 -22.74
C ASN A 33 -25.80 15.29 -23.80
N GLY A 34 -26.10 14.00 -23.77
CA GLY A 34 -25.55 13.07 -24.75
C GLY A 34 -24.34 12.25 -24.31
N ASN A 35 -23.46 12.85 -23.53
CA ASN A 35 -22.28 12.15 -23.07
C ASN A 35 -22.57 11.09 -22.02
N THR A 36 -21.68 10.10 -21.93
CA THR A 36 -21.77 9.01 -20.94
C THR A 36 -20.47 9.11 -20.16
N TYR A 37 -20.54 9.70 -18.98
CA TYR A 37 -19.34 9.88 -18.18
C TYR A 37 -18.95 8.66 -17.34
N LEU A 38 -18.36 7.66 -18.00
CA LEU A 38 -17.87 6.44 -17.34
C LEU A 38 -16.33 6.48 -17.51
N HIS A 39 -15.59 6.26 -16.44
CA HIS A 39 -14.14 6.35 -16.48
C HIS A 39 -13.48 5.19 -15.81
N TRP A 40 -12.19 5.02 -16.11
CA TRP A 40 -11.39 3.95 -15.55
C TRP A 40 -10.11 4.46 -14.93
N TYR A 41 -9.81 3.97 -13.73
CA TYR A 41 -8.62 4.36 -12.99
C TYR A 41 -7.79 3.13 -12.63
N LEU A 42 -6.49 3.32 -12.49
CA LEU A 42 -5.60 2.25 -12.08
C LEU A 42 -4.96 2.75 -10.81
N GLN A 43 -5.01 1.94 -9.77
CA GLN A 43 -4.37 2.36 -8.55
C GLN A 43 -3.29 1.35 -8.22
N LYS A 44 -2.05 1.80 -8.30
CA LYS A 44 -0.92 0.96 -7.96
C LYS A 44 -0.68 1.21 -6.48
N PRO A 45 -0.43 0.13 -5.71
CA PRO A 45 -0.18 0.14 -4.26
C PRO A 45 0.69 1.29 -3.77
N GLY A 46 0.15 2.05 -2.82
CA GLY A 46 0.85 3.19 -2.26
C GLY A 46 0.80 4.43 -3.15
N GLN A 47 -0.10 4.43 -4.12
CA GLN A 47 -0.22 5.57 -5.03
C GLN A 47 -1.64 6.02 -5.19
N SER A 48 -1.83 7.26 -5.61
CA SER A 48 -3.18 7.76 -5.83
C SER A 48 -3.68 7.14 -7.15
N PRO A 49 -5.00 7.02 -7.34
CA PRO A 49 -5.50 6.43 -8.58
C PRO A 49 -5.07 7.32 -9.73
N LYS A 50 -4.84 6.74 -10.91
CA LYS A 50 -4.45 7.48 -12.12
C LYS A 50 -5.42 7.13 -13.22
N LEU A 51 -5.86 8.13 -13.96
CA LEU A 51 -6.82 7.93 -15.02
C LEU A 51 -6.24 7.26 -16.25
N LEU A 52 -6.99 6.31 -16.79
CA LEU A 52 -6.63 5.59 -18.01
C LEU A 52 -7.56 6.06 -19.11
N ILE A 53 -8.85 5.82 -18.88
CA ILE A 53 -9.93 6.11 -19.83
C ILE A 53 -11.09 6.95 -19.29
N TYR A 54 -11.45 8.02 -20.00
CA TYR A 54 -12.58 8.87 -19.62
C TYR A 54 -13.62 8.80 -20.71
N LYS A 55 -14.89 8.96 -20.33
CA LYS A 55 -15.99 8.90 -21.29
C LYS A 55 -15.92 7.65 -22.14
N VAL A 56 -15.88 6.52 -21.45
CA VAL A 56 -15.87 5.18 -22.06
C VAL A 56 -14.66 4.73 -22.85
N SER A 57 -14.12 5.56 -23.74
CA SER A 57 -13.01 5.07 -24.57
C SER A 57 -11.91 6.03 -24.96
N ASN A 58 -11.87 7.21 -24.39
CA ASN A 58 -10.83 8.15 -24.76
C ASN A 58 -9.75 7.96 -23.75
N ARG A 59 -8.51 7.95 -24.20
CA ARG A 59 -7.36 7.77 -23.31
C ARG A 59 -6.78 9.06 -22.82
N PHE A 60 -6.35 9.06 -21.56
CA PHE A 60 -5.72 10.19 -20.91
C PHE A 60 -4.33 10.32 -21.55
N SER A 61 -3.64 11.44 -21.30
CA SER A 61 -2.31 11.66 -21.88
C SER A 61 -1.30 10.57 -21.56
N GLY A 62 -0.65 10.06 -22.59
CA GLY A 62 0.37 9.04 -22.38
C GLY A 62 -0.09 7.60 -22.23
N VAL A 63 -1.37 7.36 -22.01
CA VAL A 63 -1.82 5.98 -21.86
C VAL A 63 -1.77 5.34 -23.23
N PRO A 64 -1.15 4.15 -23.33
CA PRO A 64 -1.00 3.39 -24.57
C PRO A 64 -2.29 2.72 -24.99
N ASP A 65 -2.38 2.38 -26.26
CA ASP A 65 -3.58 1.76 -26.78
C ASP A 65 -3.77 0.28 -26.48
N ARG A 66 -3.02 -0.28 -25.53
CA ARG A 66 -3.26 -1.68 -25.18
C ARG A 66 -4.53 -1.63 -24.37
N PHE A 67 -4.75 -0.47 -23.74
CA PHE A 67 -5.94 -0.19 -22.94
C PHE A 67 -7.04 0.42 -23.82
N SER A 68 -8.22 -0.18 -23.80
CA SER A 68 -9.32 0.37 -24.55
C SER A 68 -10.56 0.20 -23.67
N GLY A 69 -11.54 1.07 -23.87
CA GLY A 69 -12.77 0.99 -23.10
C GLY A 69 -13.90 0.80 -24.09
N SER A 70 -14.94 0.12 -23.64
CA SER A 70 -16.10 -0.13 -24.48
C SER A 70 -17.33 -0.22 -23.60
N GLY A 71 -18.50 -0.33 -24.21
CA GLY A 71 -19.72 -0.45 -23.46
C GLY A 71 -20.71 0.66 -23.73
N SER A 72 -21.85 0.61 -23.05
CA SER A 72 -22.89 1.60 -23.23
C SER A 72 -23.99 1.43 -22.21
N GLY A 73 -24.73 2.51 -21.96
CA GLY A 73 -25.85 2.49 -21.04
C GLY A 73 -25.47 2.13 -19.63
N THR A 74 -25.44 0.83 -19.35
CA THR A 74 -25.10 0.31 -18.03
C THR A 74 -24.03 -0.75 -18.03
N ASP A 75 -23.63 -1.23 -19.21
CA ASP A 75 -22.61 -2.26 -19.27
C ASP A 75 -21.35 -1.71 -19.90
N PHE A 76 -20.20 -1.92 -19.26
CA PHE A 76 -18.94 -1.39 -19.74
C PHE A 76 -17.76 -2.34 -19.52
N THR A 77 -16.81 -2.30 -20.44
CA THR A 77 -15.65 -3.18 -20.43
C THR A 77 -14.32 -2.44 -20.60
N LEU A 78 -13.33 -2.79 -19.79
CA LEU A 78 -11.99 -2.24 -19.89
C LEU A 78 -11.18 -3.42 -20.42
N LYS A 79 -10.47 -3.20 -21.51
CA LYS A 79 -9.68 -4.26 -22.09
C LYS A 79 -8.20 -3.93 -22.12
N ILE A 80 -7.40 -4.90 -21.67
CA ILE A 80 -5.96 -4.77 -21.70
C ILE A 80 -5.54 -5.86 -22.71
N SER A 81 -5.12 -5.44 -23.90
CA SER A 81 -4.74 -6.37 -24.97
C SER A 81 -3.56 -7.32 -24.76
N ARG A 82 -2.52 -6.86 -24.06
CA ARG A 82 -1.36 -7.71 -23.78
C ARG A 82 -0.75 -7.30 -22.45
N VAL A 83 -1.17 -8.01 -21.41
CA VAL A 83 -0.76 -7.76 -20.04
C VAL A 83 0.75 -7.77 -19.83
N GLU A 84 1.25 -6.74 -19.16
CA GLU A 84 2.66 -6.61 -18.87
C GLU A 84 2.80 -6.51 -17.37
N ALA A 85 3.88 -7.05 -16.82
CA ALA A 85 4.15 -7.06 -15.37
C ALA A 85 3.73 -5.81 -14.62
N GLU A 86 4.02 -4.65 -15.20
CA GLU A 86 3.70 -3.38 -14.59
C GLU A 86 2.20 -2.99 -14.61
N ASP A 87 1.34 -3.89 -15.07
CA ASP A 87 -0.10 -3.62 -15.13
C ASP A 87 -0.83 -3.97 -13.86
N LEU A 88 -0.15 -4.69 -12.98
CA LEU A 88 -0.76 -5.11 -11.73
C LEU A 88 -1.19 -3.90 -10.90
N GLY A 89 -2.28 -4.07 -10.17
CA GLY A 89 -2.81 -3.01 -9.34
C GLY A 89 -4.30 -3.24 -9.31
N VAL A 90 -5.04 -2.22 -8.92
CA VAL A 90 -6.49 -2.35 -8.83
C VAL A 90 -7.12 -1.38 -9.79
N TYR A 91 -8.11 -1.87 -10.54
CA TYR A 91 -8.81 -1.04 -11.51
C TYR A 91 -10.16 -0.65 -10.95
N PHE A 92 -10.49 0.62 -11.05
CA PHE A 92 -11.77 1.12 -10.57
C PHE A 92 -12.53 1.75 -11.72
N CYS A 93 -13.83 1.53 -11.79
CA CYS A 93 -14.63 2.22 -12.80
C CYS A 93 -15.34 3.27 -11.95
N SER A 94 -15.59 4.44 -12.53
CA SER A 94 -16.21 5.55 -11.82
C SER A 94 -17.15 6.28 -12.75
N GLN A 95 -18.25 6.81 -12.24
CA GLN A 95 -19.17 7.55 -13.09
C GLN A 95 -19.41 8.96 -12.54
N SER A 96 -19.66 9.91 -13.44
CA SER A 96 -19.92 11.26 -13.00
C SER A 96 -21.06 11.83 -13.79
N THR A 97 -21.97 10.96 -14.23
CA THR A 97 -23.13 11.40 -14.97
C THR A 97 -24.09 11.93 -13.93
N HIS A 98 -24.20 11.16 -12.86
CA HIS A 98 -25.12 11.48 -11.79
C HIS A 98 -24.32 11.99 -10.63
N VAL A 99 -24.99 12.74 -9.77
CA VAL A 99 -24.40 13.31 -8.56
C VAL A 99 -25.02 12.52 -7.41
N PRO A 100 -24.21 12.09 -6.43
CA PRO A 100 -22.77 12.30 -6.33
C PRO A 100 -21.96 11.36 -7.22
N ARG A 101 -20.72 11.72 -7.50
CA ARG A 101 -19.81 10.87 -8.29
C ARG A 101 -19.71 9.56 -7.48
N THR A 102 -19.50 8.45 -8.18
CA THR A 102 -19.49 7.15 -7.52
C THR A 102 -18.39 6.25 -8.11
N PHE A 103 -17.93 5.25 -7.34
CA PHE A 103 -16.87 4.35 -7.79
C PHE A 103 -17.22 2.91 -7.60
N GLY A 104 -16.54 2.06 -8.36
CA GLY A 104 -16.77 0.63 -8.27
C GLY A 104 -15.97 0.03 -7.13
N GLY A 105 -16.18 -1.26 -6.87
CA GLY A 105 -15.46 -1.91 -5.79
C GLY A 105 -13.98 -2.16 -6.05
N GLY A 106 -13.62 -2.24 -7.33
CA GLY A 106 -12.23 -2.47 -7.68
C GLY A 106 -12.02 -3.92 -8.08
N THR A 107 -11.04 -4.13 -8.97
CA THR A 107 -10.68 -5.45 -9.46
C THR A 107 -9.16 -5.46 -9.40
N LYS A 108 -8.62 -6.48 -8.75
CA LYS A 108 -7.17 -6.62 -8.64
C LYS A 108 -6.61 -7.55 -9.72
N LEU A 109 -5.74 -6.99 -10.55
CA LEU A 109 -5.12 -7.78 -11.60
C LEU A 109 -3.97 -8.54 -10.93
N GLU A 110 -3.95 -9.86 -11.10
CA GLU A 110 -2.92 -10.73 -10.55
C GLU A 110 -2.20 -11.38 -11.74
N ILE A 111 -0.88 -11.34 -11.75
CA ILE A 111 -0.10 -11.93 -12.84
C ILE A 111 0.19 -13.41 -12.58
N LYS A 112 -0.14 -14.27 -13.55
CA LYS A 112 0.17 -15.70 -13.45
C LYS A 112 1.58 -15.86 -14.01
N ARG A 113 2.42 -16.59 -13.30
CA ARG A 113 3.78 -16.83 -13.73
C ARG A 113 4.17 -18.21 -13.33
N ALA A 114 5.42 -18.56 -13.61
CA ALA A 114 5.89 -19.90 -13.29
C ALA A 114 6.18 -20.03 -11.82
N ASP A 115 5.99 -21.24 -11.29
CA ASP A 115 6.26 -21.50 -9.90
C ASP A 115 7.71 -21.17 -9.60
N ALA A 116 7.92 -20.67 -8.39
CA ALA A 116 9.24 -20.31 -7.89
C ALA A 116 9.24 -20.66 -6.42
N ALA A 117 10.25 -21.40 -6.00
CA ALA A 117 10.38 -21.78 -4.61
C ALA A 117 10.95 -20.57 -3.88
N PRO A 118 10.57 -20.39 -2.59
CA PRO A 118 11.06 -19.26 -1.78
C PRO A 118 12.50 -19.45 -1.33
N THR A 119 13.26 -18.36 -1.28
CA THR A 119 14.63 -18.43 -0.79
C THR A 119 14.51 -17.94 0.67
N VAL A 120 14.75 -18.85 1.61
CA VAL A 120 14.63 -18.61 3.04
C VAL A 120 15.92 -18.18 3.74
N SER A 121 15.79 -17.18 4.62
CA SER A 121 16.90 -16.63 5.40
C SER A 121 16.44 -16.53 6.84
N ILE A 122 17.27 -16.99 7.78
CA ILE A 122 16.90 -16.94 9.20
C ILE A 122 17.87 -16.00 9.88
N PHE A 123 17.39 -15.26 10.88
CA PHE A 123 18.23 -14.29 11.57
C PHE A 123 18.02 -14.39 13.06
N PRO A 124 19.11 -14.31 13.84
CA PRO A 124 19.01 -14.39 15.29
C PRO A 124 18.78 -12.96 15.81
N PRO A 125 18.30 -12.82 17.05
CA PRO A 125 18.04 -11.49 17.63
C PRO A 125 19.37 -10.72 17.65
N SER A 126 19.35 -9.43 17.37
CA SER A 126 20.60 -8.65 17.43
C SER A 126 20.98 -8.43 18.90
N SER A 127 22.27 -8.20 19.14
CA SER A 127 22.74 -7.95 20.49
C SER A 127 22.05 -6.72 21.08
N GLU A 128 21.80 -5.73 20.23
CA GLU A 128 21.14 -4.50 20.65
C GLU A 128 19.79 -4.79 21.26
N GLN A 129 19.06 -5.73 20.66
CA GLN A 129 17.72 -6.08 21.14
C GLN A 129 17.79 -6.97 22.35
N LEU A 130 18.76 -7.87 22.36
CA LEU A 130 18.97 -8.76 23.49
C LEU A 130 19.20 -7.86 24.70
N THR A 131 20.07 -6.89 24.49
CA THR A 131 20.45 -5.90 25.47
C THR A 131 19.27 -5.27 26.19
N SER A 132 18.13 -5.18 25.52
CA SER A 132 16.95 -4.61 26.11
C SER A 132 15.93 -5.65 26.55
N GLY A 133 16.37 -6.91 26.65
CA GLY A 133 15.48 -7.99 27.07
C GLY A 133 14.51 -8.59 26.05
N GLY A 134 14.49 -8.08 24.83
CA GLY A 134 13.59 -8.64 23.82
C GLY A 134 14.35 -9.60 22.93
N ALA A 135 13.65 -10.51 22.28
CA ALA A 135 14.34 -11.43 21.41
C ALA A 135 13.46 -11.93 20.27
N SER A 136 13.46 -11.18 19.17
CA SER A 136 12.70 -11.52 17.96
C SER A 136 13.63 -12.25 17.03
N VAL A 137 13.22 -13.44 16.59
CA VAL A 137 14.01 -14.20 15.65
C VAL A 137 13.12 -14.16 14.40
N VAL A 138 13.69 -13.64 13.32
CA VAL A 138 13.02 -13.41 12.03
C VAL A 138 13.36 -14.36 10.89
N CYS A 139 12.40 -14.55 9.99
CA CYS A 139 12.58 -15.41 8.82
C CYS A 139 12.04 -14.73 7.56
N PHE A 140 12.86 -14.61 6.52
CA PHE A 140 12.44 -14.00 5.25
C PHE A 140 12.26 -15.11 4.25
N LEU A 141 11.10 -15.17 3.63
CA LEU A 141 10.80 -16.19 2.63
C LEU A 141 10.60 -15.39 1.36
N ASN A 142 11.69 -15.22 0.62
CA ASN A 142 11.64 -14.37 -0.55
C ASN A 142 11.47 -14.97 -1.93
N ASN A 143 10.85 -14.15 -2.77
CA ASN A 143 10.58 -14.44 -4.18
C ASN A 143 9.94 -15.78 -4.52
N PHE A 144 8.72 -16.00 -4.07
CA PHE A 144 8.05 -17.25 -4.41
C PHE A 144 6.75 -17.06 -5.15
N TYR A 145 6.25 -18.16 -5.72
CA TYR A 145 4.99 -18.15 -6.44
C TYR A 145 4.54 -19.60 -6.54
N PRO A 146 3.27 -19.87 -6.23
CA PRO A 146 2.15 -19.04 -5.80
C PRO A 146 2.29 -18.47 -4.40
N LYS A 147 1.39 -17.55 -4.07
CA LYS A 147 1.38 -16.88 -2.78
C LYS A 147 1.05 -17.79 -1.61
N ASP A 148 0.47 -18.95 -1.87
CA ASP A 148 0.09 -19.87 -0.82
C ASP A 148 1.27 -20.63 -0.25
N ILE A 149 1.66 -20.27 0.96
CA ILE A 149 2.80 -20.90 1.63
C ILE A 149 2.43 -21.09 3.11
N ASN A 150 3.14 -21.98 3.79
CA ASN A 150 2.89 -22.23 5.21
C ASN A 150 4.20 -22.26 5.98
N VAL A 151 4.27 -21.47 7.05
CA VAL A 151 5.48 -21.41 7.88
C VAL A 151 5.27 -21.88 9.33
N LYS A 152 6.20 -22.68 9.85
CA LYS A 152 6.17 -23.20 11.21
C LYS A 152 7.48 -22.87 11.91
N TRP A 153 7.41 -22.47 13.18
CA TRP A 153 8.62 -22.20 13.96
C TRP A 153 8.81 -23.35 14.91
N LYS A 154 10.03 -23.86 14.99
CA LYS A 154 10.31 -24.94 15.90
C LYS A 154 11.47 -24.56 16.79
N ILE A 155 11.31 -24.79 18.09
CA ILE A 155 12.34 -24.51 19.07
C ILE A 155 12.70 -25.86 19.68
N ASP A 156 13.91 -26.31 19.38
CA ASP A 156 14.42 -27.58 19.85
C ASP A 156 13.50 -28.73 19.45
N GLY A 157 12.86 -28.58 18.30
CA GLY A 157 11.97 -29.62 17.80
C GLY A 157 10.53 -29.32 18.13
N LYS A 158 10.29 -28.55 19.18
CA LYS A 158 8.93 -28.23 19.57
C LYS A 158 8.38 -27.14 18.66
N GLU A 159 7.15 -27.31 18.18
CA GLU A 159 6.53 -26.33 17.30
C GLU A 159 5.91 -25.23 18.14
N ARG A 160 6.30 -24.00 17.84
CA ARG A 160 5.83 -22.84 18.56
C ARG A 160 4.74 -22.19 17.74
N GLN A 161 3.55 -22.10 18.32
CA GLN A 161 2.41 -21.50 17.63
C GLN A 161 2.13 -20.06 18.01
N ASN A 162 2.31 -19.73 19.29
CA ASN A 162 2.06 -18.37 19.75
C ASN A 162 3.29 -17.46 19.69
N GLY A 163 3.03 -16.19 19.44
CA GLY A 163 4.12 -15.23 19.39
C GLY A 163 4.70 -14.99 18.02
N VAL A 164 4.08 -15.59 17.00
CA VAL A 164 4.54 -15.44 15.62
C VAL A 164 3.71 -14.40 14.87
N LEU A 165 4.37 -13.60 14.04
CA LEU A 165 3.72 -12.56 13.27
C LEU A 165 4.14 -12.71 11.82
N ASN A 166 3.16 -12.86 10.92
CA ASN A 166 3.41 -13.01 9.48
C ASN A 166 2.86 -11.88 8.61
N SER A 167 3.65 -11.41 7.65
CA SER A 167 3.17 -10.40 6.71
C SER A 167 3.74 -10.66 5.31
N TRP A 168 2.86 -10.66 4.32
CA TRP A 168 3.20 -10.90 2.92
C TRP A 168 3.26 -9.56 2.20
N THR A 169 4.09 -9.47 1.16
CA THR A 169 4.13 -8.24 0.37
C THR A 169 3.06 -8.45 -0.70
N ASP A 170 2.88 -7.47 -1.56
CA ASP A 170 1.94 -7.64 -2.65
C ASP A 170 2.80 -8.16 -3.79
N GLN A 171 2.18 -8.71 -4.83
CA GLN A 171 2.91 -9.26 -5.97
C GLN A 171 3.96 -8.27 -6.49
N ASN A 172 5.16 -8.78 -6.75
CA ASN A 172 6.22 -7.93 -7.22
C ASN A 172 6.01 -7.45 -8.66
N SER A 173 6.00 -6.14 -8.82
CA SER A 173 5.80 -5.45 -10.09
C SER A 173 6.90 -5.72 -11.06
N LYS A 174 7.93 -6.46 -10.65
CA LYS A 174 9.05 -6.69 -11.55
C LYS A 174 9.28 -8.14 -11.92
N ASP A 175 9.00 -9.06 -11.01
CA ASP A 175 9.16 -10.48 -11.30
C ASP A 175 7.92 -11.33 -10.95
N SER A 176 6.85 -10.65 -10.52
CA SER A 176 5.58 -11.29 -10.19
C SER A 176 5.56 -12.30 -9.05
N THR A 177 6.63 -12.32 -8.26
CA THR A 177 6.73 -13.20 -7.11
C THR A 177 6.24 -12.50 -5.83
N TYR A 178 6.08 -13.27 -4.76
CA TYR A 178 5.64 -12.78 -3.46
C TYR A 178 6.75 -12.95 -2.46
N SER A 179 6.59 -12.31 -1.30
CA SER A 179 7.55 -12.42 -0.22
C SER A 179 6.78 -12.37 1.10
N MET A 180 7.41 -12.84 2.15
CA MET A 180 6.78 -12.89 3.45
C MET A 180 7.86 -12.86 4.53
N SER A 181 7.55 -12.25 5.67
CA SER A 181 8.48 -12.25 6.81
C SER A 181 7.69 -12.79 7.99
N SER A 182 8.24 -13.81 8.64
CA SER A 182 7.63 -14.44 9.79
C SER A 182 8.53 -14.08 10.96
N THR A 183 7.96 -13.50 12.02
CA THR A 183 8.75 -13.13 13.18
C THR A 183 8.26 -13.86 14.43
N LEU A 184 9.18 -14.52 15.13
CA LEU A 184 8.89 -15.24 16.36
C LEU A 184 9.42 -14.33 17.45
N THR A 185 8.54 -13.94 18.38
CA THR A 185 8.90 -13.03 19.46
C THR A 185 8.97 -13.74 20.81
N LEU A 186 10.12 -13.66 21.46
CA LEU A 186 10.32 -14.26 22.79
C LEU A 186 11.03 -13.22 23.65
N THR A 187 11.18 -13.52 24.94
CA THR A 187 11.92 -12.63 25.83
C THR A 187 13.35 -13.10 25.72
N LYS A 188 14.27 -12.31 26.26
CA LYS A 188 15.67 -12.69 26.25
C LYS A 188 15.86 -14.02 27.02
N ASP A 189 15.09 -14.19 28.09
CA ASP A 189 15.20 -15.37 28.94
C ASP A 189 14.78 -16.67 28.28
N GLU A 190 13.60 -16.66 27.66
CA GLU A 190 13.11 -17.86 27.01
C GLU A 190 14.06 -18.21 25.89
N TYR A 191 14.45 -17.21 25.11
CA TYR A 191 15.36 -17.44 24.00
C TYR A 191 16.65 -18.13 24.45
N GLU A 192 17.28 -17.59 25.47
CA GLU A 192 18.53 -18.17 25.95
C GLU A 192 18.46 -19.56 26.56
N ARG A 193 17.24 -20.06 26.81
CA ARG A 193 17.05 -21.41 27.35
C ARG A 193 17.18 -22.51 26.32
N HIS A 194 17.06 -22.18 25.05
CA HIS A 194 17.11 -23.22 24.03
C HIS A 194 18.31 -23.19 23.10
N ASN A 195 18.34 -24.10 22.14
CA ASN A 195 19.48 -24.12 21.26
C ASN A 195 19.20 -23.85 19.79
N SER A 196 18.35 -24.63 19.14
CA SER A 196 18.09 -24.41 17.74
C SER A 196 16.73 -23.81 17.48
N TYR A 197 16.69 -22.89 16.51
CA TYR A 197 15.47 -22.23 16.11
C TYR A 197 15.34 -22.52 14.63
N THR A 198 14.23 -23.15 14.29
CA THR A 198 13.93 -23.58 12.94
C THR A 198 12.71 -22.92 12.31
N CYS A 199 12.92 -22.51 11.07
CA CYS A 199 11.93 -21.88 10.24
C CYS A 199 11.63 -22.90 9.16
N GLU A 200 10.44 -23.45 9.14
CA GLU A 200 10.03 -24.44 8.14
C GLU A 200 8.93 -23.90 7.25
N ALA A 201 9.05 -24.09 5.95
CA ALA A 201 8.02 -23.60 5.07
C ALA A 201 7.59 -24.71 4.15
N THR A 202 6.28 -24.85 3.95
CA THR A 202 5.77 -25.85 3.02
C THR A 202 5.06 -25.05 1.91
N HIS A 203 5.52 -25.29 0.69
CA HIS A 203 5.03 -24.61 -0.50
C HIS A 203 4.91 -25.65 -1.60
N LYS A 204 4.06 -25.37 -2.58
CA LYS A 204 3.82 -26.27 -3.71
C LYS A 204 5.08 -26.86 -4.35
N THR A 205 6.12 -26.05 -4.45
CA THR A 205 7.38 -26.43 -5.08
C THR A 205 8.30 -27.49 -4.46
N SER A 206 7.91 -28.14 -3.36
CA SER A 206 8.84 -29.12 -2.75
C SER A 206 8.46 -30.51 -2.22
N THR A 207 7.29 -30.67 -1.63
CA THR A 207 6.87 -31.97 -1.04
C THR A 207 7.52 -32.08 0.35
N SER A 208 8.86 -31.96 0.39
CA SER A 208 9.60 -31.97 1.64
C SER A 208 9.68 -30.49 2.05
N PRO A 209 9.37 -30.19 3.31
CA PRO A 209 9.41 -28.79 3.77
C PRO A 209 10.77 -28.16 3.60
N ILE A 210 10.77 -26.87 3.30
CA ILE A 210 12.01 -26.12 3.16
C ILE A 210 12.33 -25.74 4.61
N VAL A 211 13.56 -26.01 5.04
CA VAL A 211 13.95 -25.76 6.41
C VAL A 211 15.21 -24.94 6.57
N LYS A 212 15.13 -23.87 7.33
CA LYS A 212 16.30 -23.05 7.60
C LYS A 212 16.41 -23.07 9.12
N SER A 213 17.62 -23.21 9.64
CA SER A 213 17.83 -23.34 11.07
C SER A 213 19.13 -22.70 11.54
N PHE A 214 19.20 -22.43 12.84
CA PHE A 214 20.41 -21.88 13.44
C PHE A 214 20.46 -22.34 14.90
N ASN A 215 21.64 -22.71 15.35
CA ASN A 215 21.78 -23.16 16.70
C ASN A 215 22.55 -22.09 17.42
N ARG A 216 21.91 -21.54 18.44
CA ARG A 216 22.47 -20.50 19.28
C ARG A 216 23.69 -21.09 20.02
N VAL B 2 0.49 19.70 -13.68
CA VAL B 2 -0.16 20.26 -12.46
C VAL B 2 0.29 19.46 -11.24
N GLN B 3 0.30 20.09 -10.07
CA GLN B 3 0.70 19.36 -8.88
C GLN B 3 -0.07 19.87 -7.66
N LEU B 4 -0.68 18.93 -6.94
CA LEU B 4 -1.47 19.25 -5.77
C LEU B 4 -0.79 18.69 -4.52
N GLN B 5 -0.08 19.57 -3.80
CA GLN B 5 0.65 19.19 -2.57
C GLN B 5 -0.28 18.98 -1.38
N GLN B 6 -0.17 17.80 -0.76
CA GLN B 6 -1.00 17.42 0.39
C GLN B 6 -0.19 16.98 1.60
N SER B 7 -0.64 17.39 2.78
CA SER B 7 0.02 17.08 4.06
C SER B 7 0.85 15.78 4.10
N GLY B 8 0.19 14.65 4.29
CA GLY B 8 0.92 13.39 4.36
C GLY B 8 0.33 12.48 5.42
N ALA B 9 0.22 13.01 6.64
CA ALA B 9 -0.34 12.24 7.76
C ALA B 9 -0.79 13.20 8.87
N GLU B 10 -1.77 12.74 9.64
CA GLU B 10 -2.31 13.49 10.76
C GLU B 10 -2.79 12.44 11.76
N LEU B 11 -2.58 12.71 13.05
CA LEU B 11 -3.03 11.83 14.12
C LEU B 11 -3.89 12.78 14.93
N VAL B 12 -5.13 12.37 15.22
CA VAL B 12 -6.04 13.21 16.00
C VAL B 12 -6.86 12.39 16.96
N LYS B 13 -7.24 13.04 18.06
CA LYS B 13 -8.03 12.40 19.11
C LYS B 13 -9.48 12.39 18.72
N PRO B 14 -10.22 11.36 19.13
CA PRO B 14 -11.64 11.27 18.82
C PRO B 14 -12.34 12.58 19.19
N GLY B 15 -13.45 12.89 18.53
CA GLY B 15 -14.17 14.09 18.84
C GLY B 15 -13.55 15.38 18.34
N ALA B 16 -12.24 15.42 18.14
CA ALA B 16 -11.60 16.64 17.66
C ALA B 16 -11.92 16.95 16.18
N SER B 17 -11.47 18.10 15.70
CA SER B 17 -11.68 18.52 14.32
C SER B 17 -10.33 18.67 13.63
N VAL B 18 -10.27 18.40 12.34
CA VAL B 18 -9.01 18.51 11.62
C VAL B 18 -9.21 19.29 10.34
N LYS B 19 -8.16 19.98 9.90
CA LYS B 19 -8.21 20.78 8.69
C LYS B 19 -7.08 20.38 7.76
N LEU B 20 -7.42 19.69 6.67
CA LEU B 20 -6.45 19.25 5.68
C LEU B 20 -6.28 20.32 4.59
N SER B 21 -5.10 20.37 3.98
CA SER B 21 -4.80 21.36 2.94
C SER B 21 -4.33 20.77 1.62
N CYS B 22 -4.67 21.45 0.52
CA CYS B 22 -4.31 21.04 -0.84
C CYS B 22 -3.72 22.25 -1.54
N LYS B 23 -2.44 22.19 -1.86
CA LYS B 23 -1.75 23.29 -2.52
C LYS B 23 -1.68 23.05 -4.02
N ALA B 24 -2.42 23.86 -4.77
CA ALA B 24 -2.48 23.74 -6.22
C ALA B 24 -1.43 24.58 -6.97
N SER B 25 -0.79 23.94 -7.94
CA SER B 25 0.24 24.58 -8.74
C SER B 25 0.22 24.00 -10.16
N GLY B 26 0.91 24.66 -11.08
CA GLY B 26 0.97 24.17 -12.44
C GLY B 26 -0.25 24.44 -13.30
N TYR B 27 -1.17 25.25 -12.81
CA TYR B 27 -2.38 25.59 -13.55
C TYR B 27 -3.19 26.68 -12.86
N THR B 28 -4.13 27.27 -13.58
CA THR B 28 -4.97 28.32 -13.03
C THR B 28 -5.92 27.75 -11.99
N PHE B 29 -5.57 27.93 -10.72
CA PHE B 29 -6.37 27.45 -9.59
C PHE B 29 -7.86 27.69 -9.87
N THR B 30 -8.20 28.90 -10.26
CA THR B 30 -9.58 29.26 -10.53
C THR B 30 -10.31 28.48 -11.64
N SER B 31 -9.54 27.93 -12.58
CA SER B 31 -10.10 27.20 -13.71
C SER B 31 -10.85 25.90 -13.47
N TYR B 32 -10.59 25.21 -12.36
CA TYR B 32 -11.26 23.93 -12.12
C TYR B 32 -11.82 23.79 -10.72
N TRP B 33 -12.86 22.96 -10.60
CA TRP B 33 -13.48 22.69 -9.33
C TRP B 33 -12.62 21.68 -8.60
N MET B 34 -12.34 21.97 -7.34
CA MET B 34 -11.54 21.10 -6.50
C MET B 34 -12.44 20.04 -5.85
N GLN B 35 -11.99 18.78 -5.86
CA GLN B 35 -12.74 17.65 -5.29
C GLN B 35 -12.03 17.03 -4.11
N TRP B 36 -12.73 16.15 -3.41
CA TRP B 36 -12.18 15.47 -2.25
C TRP B 36 -12.74 14.05 -2.26
N VAL B 37 -11.87 13.07 -2.08
CA VAL B 37 -12.28 11.66 -2.08
C VAL B 37 -11.73 10.94 -0.86
N LYS B 38 -12.43 9.94 -0.37
CA LYS B 38 -12.01 9.21 0.80
C LYS B 38 -11.77 7.75 0.49
N GLN B 39 -10.65 7.22 0.99
CA GLN B 39 -10.33 5.82 0.76
C GLN B 39 -9.87 5.13 2.04
N ARG B 40 -10.66 4.18 2.49
CA ARG B 40 -10.29 3.44 3.69
C ARG B 40 -9.52 2.21 3.27
N PRO B 41 -8.29 2.07 3.77
CA PRO B 41 -7.30 1.02 3.60
C PRO B 41 -7.54 -0.07 2.56
N GLY B 42 -8.44 -1.00 2.83
CA GLY B 42 -8.66 -2.07 1.87
C GLY B 42 -9.91 -1.96 1.00
N GLN B 43 -10.64 -0.86 1.15
CA GLN B 43 -11.87 -0.65 0.42
C GLN B 43 -11.75 0.26 -0.81
N GLY B 44 -12.90 0.53 -1.43
CA GLY B 44 -12.96 1.37 -2.61
C GLY B 44 -12.94 2.85 -2.26
N LEU B 45 -13.42 3.68 -3.19
CA LEU B 45 -13.41 5.13 -2.99
C LEU B 45 -14.78 5.80 -2.74
N GLU B 46 -14.80 6.84 -1.92
CA GLU B 46 -16.04 7.55 -1.65
C GLU B 46 -15.86 9.01 -1.99
N TRP B 47 -16.80 9.58 -2.73
CA TRP B 47 -16.72 10.99 -3.11
C TRP B 47 -17.29 11.81 -1.96
N ILE B 48 -16.69 12.97 -1.71
CA ILE B 48 -17.13 13.84 -0.64
C ILE B 48 -17.74 15.14 -1.12
N GLY B 49 -16.98 15.94 -1.86
CA GLY B 49 -17.53 17.19 -2.32
C GLY B 49 -16.60 17.98 -3.20
N GLU B 50 -17.12 19.09 -3.72
CA GLU B 50 -16.39 19.97 -4.62
C GLU B 50 -16.62 21.45 -4.29
N ILE B 51 -15.69 22.30 -4.72
CA ILE B 51 -15.81 23.72 -4.48
C ILE B 51 -15.25 24.45 -5.69
N ASP B 52 -15.83 25.62 -5.99
CA ASP B 52 -15.39 26.40 -7.12
C ASP B 52 -14.50 27.54 -6.64
N PRO B 53 -13.24 27.57 -7.09
CA PRO B 53 -12.26 28.60 -6.74
C PRO B 53 -12.52 30.05 -7.20
N SER B 54 -13.17 30.24 -8.36
CA SER B 54 -13.42 31.61 -8.80
C SER B 54 -14.32 32.33 -7.78
N ASP B 55 -15.18 31.56 -7.13
CA ASP B 55 -16.06 32.06 -6.08
C ASP B 55 -15.89 30.98 -5.01
N SER B 56 -16.96 30.51 -4.39
CA SER B 56 -16.82 29.46 -3.38
C SER B 56 -18.07 28.60 -3.31
N TYR B 57 -18.68 28.40 -4.47
CA TYR B 57 -19.87 27.58 -4.54
C TYR B 57 -19.38 26.19 -4.19
N THR B 58 -20.16 25.49 -3.37
CA THR B 58 -19.74 24.18 -2.92
C THR B 58 -20.87 23.18 -2.94
N ASN B 59 -20.55 21.97 -3.39
CA ASN B 59 -21.50 20.87 -3.47
C ASN B 59 -20.89 19.75 -2.64
N TYR B 60 -21.72 18.98 -1.95
CA TYR B 60 -21.25 17.89 -1.10
C TYR B 60 -22.17 16.71 -1.29
N ASN B 61 -21.67 15.53 -0.94
CA ASN B 61 -22.44 14.30 -1.00
C ASN B 61 -23.19 14.33 0.34
N GLN B 62 -24.40 13.80 0.36
CA GLN B 62 -25.21 13.80 1.58
C GLN B 62 -24.52 13.13 2.78
N LYS B 63 -23.79 12.05 2.55
CA LYS B 63 -23.11 11.34 3.62
C LYS B 63 -22.10 12.21 4.36
N PHE B 64 -21.56 13.20 3.67
CA PHE B 64 -20.57 14.06 4.28
C PHE B 64 -21.04 15.47 4.50
N LYS B 65 -22.36 15.67 4.43
CA LYS B 65 -22.92 17.00 4.64
C LYS B 65 -22.56 17.46 6.05
N GLY B 66 -22.66 16.52 6.99
CA GLY B 66 -22.35 16.81 8.37
C GLY B 66 -20.88 16.79 8.77
N LYS B 67 -20.00 16.26 7.91
CA LYS B 67 -18.59 16.18 8.25
C LYS B 67 -17.59 17.14 7.58
N ALA B 68 -17.86 17.55 6.35
CA ALA B 68 -16.91 18.39 5.65
C ALA B 68 -17.32 19.82 5.36
N THR B 69 -16.37 20.73 5.48
CA THR B 69 -16.61 22.15 5.22
C THR B 69 -15.48 22.62 4.30
N LEU B 70 -15.81 22.78 3.02
CA LEU B 70 -14.84 23.18 2.01
C LEU B 70 -14.65 24.68 1.92
N THR B 71 -13.40 25.09 1.82
CA THR B 71 -13.01 26.50 1.73
C THR B 71 -11.78 26.56 0.82
N VAL B 72 -11.40 27.75 0.37
CA VAL B 72 -10.22 27.89 -0.50
C VAL B 72 -9.37 29.09 -0.12
N ASP B 73 -8.36 29.37 -0.92
CA ASP B 73 -7.44 30.48 -0.67
C ASP B 73 -6.64 30.76 -1.95
N SER B 77 -3.20 29.73 -3.27
CA SER B 77 -3.86 28.73 -4.15
C SER B 77 -4.06 27.44 -3.39
N THR B 78 -4.51 27.56 -2.14
CA THR B 78 -4.72 26.39 -1.31
C THR B 78 -6.20 26.10 -1.08
N ALA B 79 -6.60 24.86 -1.29
CA ALA B 79 -7.97 24.44 -1.08
C ALA B 79 -7.89 23.73 0.26
N TYR B 80 -8.89 23.92 1.11
CA TYR B 80 -8.93 23.31 2.44
C TYR B 80 -10.18 22.50 2.63
N MET B 81 -10.11 21.54 3.55
CA MET B 81 -11.26 20.70 3.88
C MET B 81 -11.15 20.40 5.37
N GLN B 82 -12.25 20.62 6.07
CA GLN B 82 -12.25 20.38 7.50
C GLN B 82 -13.26 19.33 7.88
N LEU B 83 -12.79 18.26 8.52
CA LEU B 83 -13.67 17.21 8.99
C LEU B 83 -14.02 17.61 10.42
N SER B 84 -14.97 16.94 11.05
CA SER B 84 -15.35 17.31 12.40
C SER B 84 -15.85 16.11 13.18
N SER B 85 -15.78 16.22 14.50
CA SER B 85 -16.21 15.15 15.40
C SER B 85 -15.80 13.78 14.86
N LEU B 86 -14.48 13.59 14.82
CA LEU B 86 -13.86 12.39 14.29
C LEU B 86 -13.99 11.12 15.11
N THR B 87 -14.14 9.99 14.41
CA THR B 87 -14.22 8.69 15.03
C THR B 87 -13.29 7.74 14.27
N SER B 88 -13.12 6.52 14.77
CA SER B 88 -12.23 5.56 14.12
C SER B 88 -12.68 5.20 12.71
N GLU B 89 -13.92 5.53 12.39
CA GLU B 89 -14.46 5.25 11.07
C GLU B 89 -13.99 6.31 10.08
N ASP B 90 -13.29 7.32 10.62
CA ASP B 90 -12.77 8.40 9.80
C ASP B 90 -11.33 8.13 9.48
N SER B 91 -10.77 7.08 10.06
CA SER B 91 -9.38 6.74 9.80
C SER B 91 -9.34 6.36 8.34
N ALA B 92 -8.74 7.23 7.52
CA ALA B 92 -8.66 6.99 6.08
C ALA B 92 -7.70 7.95 5.39
N VAL B 93 -7.51 7.74 4.09
CA VAL B 93 -6.67 8.61 3.27
C VAL B 93 -7.63 9.54 2.56
N TYR B 94 -7.35 10.83 2.57
CA TYR B 94 -8.21 11.79 1.88
C TYR B 94 -7.44 12.41 0.76
N TYR B 95 -8.03 12.47 -0.43
CA TYR B 95 -7.38 13.06 -1.58
C TYR B 95 -8.12 14.27 -2.09
N CYS B 96 -7.38 15.31 -2.49
CA CYS B 96 -8.01 16.46 -3.11
C CYS B 96 -7.65 16.13 -4.58
N ALA B 97 -8.51 16.51 -5.53
CA ALA B 97 -8.25 16.14 -6.91
C ALA B 97 -9.06 16.92 -7.88
N ASN B 98 -8.50 17.18 -9.05
CA ASN B 98 -9.26 17.87 -10.08
C ASN B 98 -9.73 16.73 -10.96
N LEU B 99 -11.03 16.50 -10.93
CA LEU B 99 -11.63 15.41 -11.69
C LEU B 99 -12.52 15.93 -12.81
N ARG B 100 -11.94 16.31 -13.95
CA ARG B 100 -12.78 16.78 -15.03
C ARG B 100 -12.30 16.41 -16.40
N GLY B 101 -12.86 15.33 -16.94
CA GLY B 101 -12.49 14.87 -18.26
C GLY B 101 -11.05 14.48 -18.27
N TYR B 102 -10.27 15.11 -19.14
CA TYR B 102 -8.84 14.80 -19.25
C TYR B 102 -8.01 15.61 -18.27
N PHE B 103 -8.63 16.51 -17.51
CA PHE B 103 -7.86 17.24 -16.53
C PHE B 103 -8.11 16.44 -15.28
N ASP B 104 -7.24 15.46 -15.05
CA ASP B 104 -7.39 14.59 -13.93
C ASP B 104 -6.13 14.58 -13.14
N TYR B 105 -6.13 15.27 -12.02
CA TYR B 105 -4.95 15.34 -11.18
C TYR B 105 -5.31 15.11 -9.74
N TRP B 106 -4.58 14.19 -9.10
CA TRP B 106 -4.79 13.85 -7.71
C TRP B 106 -3.60 14.25 -6.85
N GLY B 107 -3.87 14.44 -5.56
CA GLY B 107 -2.82 14.76 -4.64
C GLY B 107 -2.42 13.41 -4.08
N GLN B 108 -1.28 13.38 -3.38
CA GLN B 108 -0.78 12.14 -2.78
C GLN B 108 -1.66 11.62 -1.65
N GLY B 109 -2.54 12.47 -1.15
CA GLY B 109 -3.43 12.08 -0.07
C GLY B 109 -2.83 12.28 1.30
N THR B 110 -3.68 12.42 2.31
CA THR B 110 -3.23 12.59 3.67
C THR B 110 -3.80 11.45 4.50
N THR B 111 -2.92 10.61 5.03
CA THR B 111 -3.34 9.48 5.87
C THR B 111 -3.74 10.06 7.23
N LEU B 112 -5.02 9.94 7.57
CA LEU B 112 -5.56 10.48 8.82
C LEU B 112 -5.92 9.38 9.80
N THR B 113 -5.19 9.35 10.92
CA THR B 113 -5.42 8.37 11.96
C THR B 113 -6.10 9.03 13.16
N VAL B 114 -7.30 8.55 13.47
CA VAL B 114 -8.05 9.06 14.61
C VAL B 114 -7.83 8.05 15.74
N SER B 115 -7.07 8.47 16.73
CA SER B 115 -6.76 7.57 17.83
C SER B 115 -6.28 8.37 19.00
N SER B 116 -6.42 7.76 20.17
CA SER B 116 -6.01 8.34 21.42
C SER B 116 -4.56 7.96 21.72
N ALA B 117 -4.10 6.86 21.11
CA ALA B 117 -2.74 6.37 21.31
C ALA B 117 -1.71 7.44 21.07
N LYS B 118 -0.62 7.35 21.82
CA LYS B 118 0.46 8.30 21.79
C LYS B 118 1.49 7.94 20.71
N THR B 119 2.06 8.98 20.10
CA THR B 119 3.07 8.84 19.08
C THR B 119 4.28 8.19 19.72
N THR B 120 4.70 7.05 19.19
CA THR B 120 5.83 6.35 19.73
C THR B 120 6.81 6.08 18.60
N PRO B 121 8.09 6.49 18.78
CA PRO B 121 9.16 6.30 17.79
C PRO B 121 9.56 4.82 17.76
N PRO B 122 10.03 4.35 16.60
CA PRO B 122 10.43 2.94 16.47
C PRO B 122 11.81 2.59 16.99
N SER B 123 12.02 1.32 17.30
CA SER B 123 13.33 0.85 17.70
C SER B 123 13.73 0.11 16.43
N VAL B 124 14.97 0.31 15.97
CA VAL B 124 15.41 -0.32 14.74
C VAL B 124 16.49 -1.31 15.08
N TYR B 125 16.33 -2.55 14.65
CA TYR B 125 17.30 -3.59 14.93
C TYR B 125 17.80 -4.16 13.63
N PRO B 126 19.12 -4.29 13.50
CA PRO B 126 19.74 -4.84 12.29
C PRO B 126 19.66 -6.36 12.26
N LEU B 127 19.33 -6.89 11.09
CA LEU B 127 19.20 -8.33 10.89
C LEU B 127 20.30 -8.79 9.94
N ALA B 128 21.32 -9.41 10.51
CA ALA B 128 22.45 -9.94 9.77
C ALA B 128 22.45 -11.42 10.12
N PRO B 129 22.95 -12.27 9.22
CA PRO B 129 23.02 -13.72 9.39
C PRO B 129 23.95 -14.14 10.54
N GLY B 136 26.22 -18.63 -0.02
CA GLY B 136 25.57 -18.63 -1.37
C GLY B 136 26.16 -17.49 -2.16
N SER B 137 25.50 -17.06 -3.23
CA SER B 137 26.03 -15.96 -4.05
C SER B 137 25.47 -14.60 -3.67
N SER B 138 24.40 -14.61 -2.88
CA SER B 138 23.77 -13.38 -2.46
C SER B 138 23.48 -13.47 -0.99
N VAL B 139 23.52 -12.32 -0.32
CA VAL B 139 23.26 -12.24 1.08
C VAL B 139 22.08 -11.31 1.33
N THR B 140 21.05 -11.84 1.97
CA THR B 140 19.86 -11.09 2.32
C THR B 140 20.03 -10.52 3.74
N LEU B 141 20.05 -9.19 3.84
CA LEU B 141 20.17 -8.46 5.12
C LEU B 141 18.83 -7.78 5.40
N GLY B 142 18.62 -7.29 6.62
CA GLY B 142 17.36 -6.64 6.90
C GLY B 142 17.42 -5.77 8.12
N CYS B 143 16.32 -5.08 8.39
CA CYS B 143 16.18 -4.21 9.55
C CYS B 143 14.78 -4.41 10.09
N LEU B 144 14.66 -4.61 11.40
CA LEU B 144 13.36 -4.81 12.06
C LEU B 144 13.05 -3.47 12.66
N VAL B 145 11.86 -2.97 12.39
CA VAL B 145 11.43 -1.66 12.85
C VAL B 145 10.23 -1.97 13.73
N LYS B 146 10.39 -1.84 15.04
CA LYS B 146 9.29 -2.14 15.93
C LYS B 146 8.89 -1.14 17.02
N GLY B 147 7.63 -1.22 17.41
CA GLY B 147 7.09 -0.39 18.47
C GLY B 147 6.89 1.07 18.16
N TYR B 148 6.26 1.36 17.03
CA TYR B 148 6.02 2.74 16.65
C TYR B 148 4.55 3.05 16.43
N PHE B 149 4.25 4.34 16.44
CA PHE B 149 2.88 4.77 16.23
C PHE B 149 2.98 6.26 16.02
N PRO B 150 2.21 6.80 15.04
CA PRO B 150 1.29 6.02 14.20
C PRO B 150 2.00 5.36 13.00
N GLU B 151 1.21 4.77 12.10
CA GLU B 151 1.78 4.15 10.92
C GLU B 151 2.49 5.24 10.12
N SER B 152 3.17 4.84 9.06
CA SER B 152 3.94 5.73 8.19
C SER B 152 5.38 5.73 8.67
N VAL B 153 6.19 4.91 8.01
CA VAL B 153 7.61 4.75 8.27
C VAL B 153 8.17 4.39 6.89
N THR B 154 9.32 4.96 6.57
CA THR B 154 9.98 4.72 5.29
C THR B 154 11.38 4.17 5.56
N VAL B 155 11.68 3.02 4.99
CA VAL B 155 12.98 2.40 5.18
C VAL B 155 13.66 2.39 3.82
N THR B 156 14.86 2.96 3.75
CA THR B 156 15.61 3.01 2.51
C THR B 156 16.97 2.39 2.76
N TRP B 157 17.60 1.86 1.70
CA TRP B 157 18.90 1.25 1.83
C TRP B 157 19.91 2.08 1.10
N ASN B 158 20.94 2.47 1.84
CA ASN B 158 22.02 3.34 1.35
C ASN B 158 21.38 4.64 0.80
N SER B 159 20.57 5.27 1.65
CA SER B 159 19.82 6.49 1.33
C SER B 159 18.97 6.32 0.06
N GLY B 160 18.61 5.07 -0.24
CA GLY B 160 17.79 4.83 -1.40
C GLY B 160 18.51 4.51 -2.69
N SER B 161 19.85 4.51 -2.69
CA SER B 161 20.57 4.18 -3.90
C SER B 161 20.58 2.69 -4.13
N LEU B 162 20.27 1.91 -3.09
CA LEU B 162 20.19 0.45 -3.22
C LEU B 162 18.70 0.10 -3.22
N SER B 163 18.13 0.00 -4.42
CA SER B 163 16.71 -0.27 -4.55
C SER B 163 16.26 -1.51 -5.33
N SER B 164 17.17 -2.14 -6.05
CA SER B 164 16.79 -3.29 -6.86
C SER B 164 16.20 -4.53 -6.18
N SER B 165 16.83 -4.98 -5.11
CA SER B 165 16.37 -6.20 -4.44
C SER B 165 15.66 -5.96 -3.11
N VAL B 166 15.18 -4.75 -2.89
CA VAL B 166 14.54 -4.39 -1.62
C VAL B 166 13.10 -4.89 -1.47
N HIS B 167 12.79 -5.47 -0.31
CA HIS B 167 11.44 -5.93 -0.03
C HIS B 167 10.95 -5.24 1.21
N THR B 168 9.79 -4.58 1.11
CA THR B 168 9.24 -3.88 2.26
C THR B 168 7.99 -4.59 2.73
N PHE B 169 8.04 -5.12 3.96
CA PHE B 169 6.90 -5.86 4.50
C PHE B 169 5.98 -4.95 5.31
N PRO B 170 4.68 -4.94 4.96
CA PRO B 170 3.69 -4.12 5.65
C PRO B 170 3.66 -4.31 7.16
N ALA B 171 3.33 -3.23 7.86
CA ALA B 171 3.28 -3.19 9.32
C ALA B 171 2.13 -3.94 9.90
N LEU B 172 2.32 -4.43 11.12
CA LEU B 172 1.30 -5.17 11.84
C LEU B 172 1.23 -4.63 13.26
N LEU B 173 0.07 -4.80 13.87
CA LEU B 173 -0.15 -4.35 15.24
C LEU B 173 0.27 -5.48 16.16
N GLN B 174 1.19 -5.16 17.05
CA GLN B 174 1.70 -6.11 18.03
C GLN B 174 1.62 -5.36 19.35
N SER B 175 0.52 -5.57 20.07
CA SER B 175 0.31 -4.92 21.36
C SER B 175 0.01 -3.42 21.25
N GLY B 176 -0.81 -3.06 20.27
CA GLY B 176 -1.14 -1.65 20.10
C GLY B 176 -0.06 -0.83 19.44
N LEU B 177 1.04 -1.47 19.04
CA LEU B 177 2.14 -0.79 18.38
C LEU B 177 2.50 -1.50 17.08
N TYR B 178 2.87 -0.73 16.07
CA TYR B 178 3.25 -1.31 14.78
C TYR B 178 4.67 -1.84 14.70
N THR B 179 4.84 -2.83 13.82
CA THR B 179 6.13 -3.42 13.55
C THR B 179 6.18 -3.96 12.13
N MET B 180 7.25 -3.64 11.42
CA MET B 180 7.46 -4.06 10.05
C MET B 180 8.95 -4.37 9.80
N SER B 181 9.27 -4.83 8.60
CA SER B 181 10.66 -5.10 8.27
C SER B 181 10.92 -4.80 6.80
N SER B 182 12.19 -4.78 6.44
CA SER B 182 12.62 -4.51 5.07
C SER B 182 13.85 -5.38 4.92
N SER B 183 14.09 -5.87 3.71
CA SER B 183 15.28 -6.69 3.43
C SER B 183 15.92 -6.24 2.14
N VAL B 184 17.21 -6.46 2.01
CA VAL B 184 17.91 -6.10 0.80
C VAL B 184 18.81 -7.27 0.55
N THR B 185 19.05 -7.60 -0.71
CA THR B 185 19.91 -8.69 -1.07
C THR B 185 21.04 -8.12 -1.95
N VAL B 186 22.27 -8.40 -1.58
CA VAL B 186 23.43 -7.88 -2.30
C VAL B 186 24.32 -9.06 -2.66
N PRO B 187 25.28 -8.87 -3.59
CA PRO B 187 26.20 -9.95 -3.98
C PRO B 187 27.05 -10.30 -2.77
N SER B 188 27.21 -11.60 -2.47
CA SER B 188 27.99 -12.07 -1.31
C SER B 188 29.37 -11.46 -1.08
N SER B 189 30.11 -11.23 -2.16
CA SER B 189 31.45 -10.65 -2.08
C SER B 189 31.49 -9.18 -1.63
N THR B 190 30.36 -8.50 -1.73
CA THR B 190 30.29 -7.11 -1.39
C THR B 190 29.98 -6.84 0.07
N TRP B 191 29.57 -7.84 0.83
CA TRP B 191 29.30 -7.66 2.27
C TRP B 191 30.04 -8.77 3.00
N PRO B 192 30.80 -8.43 4.06
CA PRO B 192 31.02 -7.12 4.69
C PRO B 192 31.99 -6.15 4.08
N SER B 193 32.56 -6.43 2.90
CA SER B 193 33.53 -5.50 2.30
C SER B 193 32.97 -4.07 2.34
N GLN B 194 31.78 -3.91 1.77
CA GLN B 194 31.07 -2.64 1.72
C GLN B 194 29.98 -2.72 2.74
N THR B 195 29.63 -1.60 3.35
CA THR B 195 28.56 -1.63 4.34
C THR B 195 27.28 -1.15 3.73
N VAL B 196 26.20 -1.77 4.15
CA VAL B 196 24.90 -1.37 3.69
C VAL B 196 24.26 -0.91 4.99
N THR B 197 23.54 0.19 4.92
CA THR B 197 22.90 0.74 6.09
C THR B 197 21.47 1.10 5.73
N CYS B 198 20.54 0.69 6.59
CA CYS B 198 19.15 0.99 6.36
C CYS B 198 18.83 2.26 7.11
N SER B 199 18.01 3.12 6.50
CA SER B 199 17.58 4.38 7.10
C SER B 199 16.10 4.26 7.40
N VAL B 200 15.71 4.63 8.60
CA VAL B 200 14.31 4.58 8.98
C VAL B 200 13.84 5.99 9.36
N ALA B 201 12.82 6.47 8.65
CA ALA B 201 12.24 7.78 8.90
C ALA B 201 10.82 7.63 9.40
N HIS B 202 10.51 8.25 10.53
CA HIS B 202 9.16 8.22 11.12
C HIS B 202 8.80 9.68 11.38
N PRO B 203 8.28 10.37 10.35
CA PRO B 203 7.87 11.78 10.34
C PRO B 203 7.05 12.20 11.55
N ALA B 204 6.00 11.43 11.84
CA ALA B 204 5.13 11.72 12.97
C ALA B 204 5.90 12.02 14.27
N SER B 205 7.05 11.37 14.46
CA SER B 205 7.83 11.60 15.66
C SER B 205 9.18 12.23 15.37
N SER B 206 9.31 12.87 14.21
CA SER B 206 10.56 13.51 13.79
C SER B 206 11.76 12.59 14.05
N THR B 207 11.70 11.40 13.48
CA THR B 207 12.77 10.42 13.68
C THR B 207 13.38 10.01 12.37
N THR B 208 14.71 9.90 12.40
CA THR B 208 15.52 9.49 11.26
C THR B 208 16.74 8.79 11.86
N VAL B 209 16.67 7.47 11.98
CA VAL B 209 17.75 6.68 12.53
C VAL B 209 18.34 5.76 11.49
N ASP B 210 19.67 5.74 11.40
CA ASP B 210 20.36 4.88 10.47
C ASP B 210 20.96 3.74 11.27
N LYS B 211 20.99 2.55 10.67
CA LYS B 211 21.55 1.35 11.29
C LYS B 211 22.51 0.71 10.28
N LYS B 212 23.76 0.54 10.68
CA LYS B 212 24.77 -0.05 9.82
C LYS B 212 24.73 -1.54 10.01
N LEU B 213 24.71 -2.29 8.91
CA LEU B 213 24.69 -3.74 9.06
C LEU B 213 26.09 -4.32 9.07
N GLU B 214 26.39 -4.93 10.21
CA GLU B 214 27.67 -5.57 10.47
C GLU B 214 27.43 -7.01 10.87
N PRO B 215 28.42 -7.89 10.61
CA PRO B 215 28.23 -9.30 10.98
C PRO B 215 28.19 -9.45 12.48
ZN ZN C . 14.73 -26.18 24.46
N1 IMD D . 15.95 -26.60 25.66
C2 IMD D . 15.81 -26.22 26.91
N3 IMD D . 16.77 -26.70 27.70
C4 IMD D . 17.60 -27.46 26.91
C5 IMD D . 17.09 -27.40 25.66
OP3 DI E . -16.60 18.21 -20.85
P DI E . -17.68 17.89 -21.82
OP1 DI E . -18.51 16.73 -21.44
OP2 DI E . -17.31 17.89 -23.24
O5' DI E . -18.66 19.15 -21.74
C5' DI E . -20.04 19.09 -22.17
C4' DI E . -20.89 19.57 -21.01
O4' DI E . -21.29 18.64 -20.00
C3' DI E . -20.59 20.86 -20.28
O3' DI E . -21.51 21.93 -20.53
C2' DI E . -20.24 20.51 -18.86
C1' DI E . -20.58 19.05 -18.84
N9 DI E . -19.70 18.05 -18.23
C8 DI E . -18.37 18.05 -18.29
N7 DI E . -17.87 17.25 -17.37
C5 DI E . -18.90 16.71 -16.72
C6 DI E . -18.95 15.48 -15.83
O6 DI E . -18.03 14.77 -15.46
N1 DI E . -20.27 15.18 -15.51
C2 DI E . -21.39 15.83 -15.96
N3 DI E . -21.28 16.81 -16.86
C4 DI E . -20.07 17.23 -17.26
#